data_5HRZ
#
_entry.id   5HRZ
#
_cell.length_a   83.570
_cell.length_b   83.570
_cell.length_c   141.930
_cell.angle_alpha   90.000
_cell.angle_beta   90.000
_cell.angle_gamma   120.000
#
_symmetry.space_group_name_H-M   'H 3 2'
#
loop_
_entity.id
_entity.type
_entity.pdbx_description
1 polymer 'TPR domain protein 1na0C3_3'
2 water water
#
_entity_poly.entity_id   1
_entity_poly.type   'polypeptide(L)'
_entity_poly.pdbx_seq_one_letter_code
;MNLAEKMYKAGNAMYRKGQYTIAIIAYTLALLKDPNNAEAWYNLGNAAYKKGEYDEAIEAYQKALELDPNNAEAWYNLGN
AYYKQGDYDEAIEYYQKALELDPNNAEAKQNLGNAKQKQGLEHHHHHH
;
_entity_poly.pdbx_strand_id   A
#
# COMPACT_ATOMS: atom_id res chain seq x y z
N ASN A 2 13.39 -22.37 0.52
CA ASN A 2 12.11 -21.67 0.36
C ASN A 2 12.14 -20.71 -0.86
N LEU A 3 11.71 -21.21 -2.02
CA LEU A 3 11.69 -20.48 -3.30
C LEU A 3 10.73 -19.29 -3.28
N ALA A 4 9.63 -19.37 -2.49
CA ALA A 4 8.65 -18.28 -2.34
C ALA A 4 9.28 -17.10 -1.61
N GLU A 5 10.07 -17.37 -0.56
CA GLU A 5 10.78 -16.31 0.19
C GLU A 5 11.90 -15.70 -0.66
N LYS A 6 12.57 -16.53 -1.46
CA LYS A 6 13.64 -16.13 -2.39
C LYS A 6 13.06 -15.10 -3.42
N MET A 7 11.83 -15.37 -3.92
CA MET A 7 11.15 -14.50 -4.87
C MET A 7 10.73 -13.18 -4.24
N TYR A 8 10.30 -13.23 -2.95
CA TYR A 8 9.92 -12.04 -2.19
C TYR A 8 11.17 -11.13 -2.05
N LYS A 9 12.32 -11.74 -1.72
CA LYS A 9 13.61 -11.05 -1.59
C LYS A 9 14.09 -10.49 -2.92
N ALA A 10 13.96 -11.24 -4.03
CA ALA A 10 14.34 -10.76 -5.37
C ALA A 10 13.48 -9.53 -5.72
N GLY A 11 12.19 -9.58 -5.35
CA GLY A 11 11.24 -8.51 -5.57
C GLY A 11 11.63 -7.25 -4.82
N ASN A 12 12.06 -7.40 -3.55
CA ASN A 12 12.51 -6.28 -2.72
C ASN A 12 13.74 -5.60 -3.29
N ALA A 13 14.71 -6.40 -3.79
CA ALA A 13 15.94 -5.89 -4.42
C ALA A 13 15.60 -5.06 -5.68
N MET A 14 14.62 -5.52 -6.51
CA MET A 14 14.21 -4.74 -7.70
C MET A 14 13.46 -3.47 -7.29
N TYR A 15 12.55 -3.60 -6.30
CA TYR A 15 11.76 -2.48 -5.80
C TYR A 15 12.64 -1.33 -5.31
N ARG A 16 13.71 -1.64 -4.52
CA ARG A 16 14.65 -0.68 -3.93
C ARG A 16 15.40 0.13 -4.97
N LYS A 17 15.63 -0.47 -6.15
CA LYS A 17 16.33 0.06 -7.32
C LYS A 17 15.39 0.79 -8.30
N GLY A 18 14.09 0.79 -8.03
CA GLY A 18 13.10 1.43 -8.92
C GLY A 18 12.76 0.62 -10.16
N GLN A 19 12.98 -0.70 -10.13
CA GLN A 19 12.68 -1.62 -11.24
C GLN A 19 11.35 -2.29 -10.90
N TYR A 20 10.28 -1.48 -10.93
CA TYR A 20 8.93 -1.88 -10.50
C TYR A 20 8.28 -3.04 -11.25
N THR A 21 8.44 -3.10 -12.57
CA THR A 21 7.85 -4.17 -13.39
C THR A 21 8.48 -5.52 -13.02
N ILE A 22 9.81 -5.55 -12.94
CA ILE A 22 10.52 -6.78 -12.54
C ILE A 22 10.18 -7.12 -11.08
N ALA A 23 10.05 -6.11 -10.19
CA ALA A 23 9.64 -6.37 -8.79
C ALA A 23 8.27 -7.07 -8.78
N ILE A 24 7.34 -6.61 -9.63
CA ILE A 24 5.99 -7.18 -9.74
C ILE A 24 6.01 -8.64 -10.22
N ILE A 25 6.91 -8.96 -11.15
CA ILE A 25 7.05 -10.33 -11.65
C ILE A 25 7.47 -11.25 -10.51
N ALA A 26 8.51 -10.86 -9.76
CA ALA A 26 9.03 -11.63 -8.62
C ALA A 26 7.98 -11.80 -7.51
N TYR A 27 7.27 -10.70 -7.14
CA TYR A 27 6.22 -10.76 -6.11
C TYR A 27 5.08 -11.68 -6.53
N THR A 28 4.69 -11.65 -7.82
CA THR A 28 3.61 -12.49 -8.36
C THR A 28 4.00 -13.96 -8.25
N LEU A 29 5.27 -14.28 -8.58
CA LEU A 29 5.77 -15.64 -8.45
C LEU A 29 5.78 -16.06 -6.98
N ALA A 30 6.23 -15.18 -6.06
CA ALA A 30 6.20 -15.46 -4.61
C ALA A 30 4.75 -15.75 -4.13
N LEU A 31 3.78 -14.95 -4.61
CA LEU A 31 2.36 -15.06 -4.23
C LEU A 31 1.65 -16.27 -4.86
N LEU A 32 2.12 -16.75 -6.01
CA LEU A 32 1.56 -17.95 -6.64
C LEU A 32 1.95 -19.20 -5.82
N LYS A 33 3.15 -19.20 -5.19
CA LYS A 33 3.65 -20.28 -4.34
C LYS A 33 3.15 -20.11 -2.89
N ASP A 34 3.03 -18.85 -2.41
CA ASP A 34 2.57 -18.57 -1.04
C ASP A 34 1.61 -17.35 -0.99
N PRO A 35 0.29 -17.56 -1.23
CA PRO A 35 -0.65 -16.40 -1.19
C PRO A 35 -0.89 -15.77 0.19
N ASN A 36 -0.40 -16.39 1.28
CA ASN A 36 -0.58 -15.87 2.64
C ASN A 36 0.61 -15.01 3.14
N ASN A 37 1.46 -14.57 2.19
CA ASN A 37 2.61 -13.72 2.47
C ASN A 37 2.15 -12.25 2.40
N ALA A 38 1.81 -11.69 3.57
CA ALA A 38 1.33 -10.31 3.74
C ALA A 38 2.39 -9.30 3.28
N GLU A 39 3.69 -9.57 3.57
CA GLU A 39 4.79 -8.68 3.16
C GLU A 39 4.87 -8.58 1.63
N ALA A 40 4.70 -9.70 0.90
CA ALA A 40 4.73 -9.71 -0.56
C ALA A 40 3.52 -8.98 -1.15
N TRP A 41 2.31 -9.10 -0.55
CA TRP A 41 1.12 -8.35 -1.02
C TRP A 41 1.37 -6.86 -0.81
N TYR A 42 1.93 -6.49 0.35
CA TYR A 42 2.22 -5.11 0.72
C TYR A 42 3.16 -4.46 -0.30
N ASN A 43 4.31 -5.09 -0.58
CA ASN A 43 5.30 -4.57 -1.51
C ASN A 43 4.86 -4.63 -2.96
N LEU A 44 3.98 -5.59 -3.30
CA LEU A 44 3.40 -5.63 -4.63
C LEU A 44 2.52 -4.36 -4.80
N GLY A 45 1.77 -4.01 -3.75
CA GLY A 45 0.96 -2.80 -3.71
C GLY A 45 1.82 -1.56 -3.81
N ASN A 46 2.98 -1.54 -3.13
CA ASN A 46 3.91 -0.41 -3.22
C ASN A 46 4.47 -0.22 -4.64
N ALA A 47 4.80 -1.33 -5.33
CA ALA A 47 5.35 -1.27 -6.68
C ALA A 47 4.30 -0.76 -7.64
N ALA A 48 3.05 -1.24 -7.52
CA ALA A 48 1.95 -0.76 -8.35
C ALA A 48 1.70 0.73 -8.07
N TYR A 49 1.74 1.15 -6.80
CA TYR A 49 1.54 2.55 -6.41
C TYR A 49 2.57 3.44 -7.11
N LYS A 50 3.88 3.05 -7.05
CA LYS A 50 4.98 3.78 -7.66
C LYS A 50 4.87 3.90 -9.19
N LYS A 51 4.17 2.97 -9.84
CA LYS A 51 3.88 2.97 -11.28
C LYS A 51 2.63 3.81 -11.61
N GLY A 52 1.95 4.32 -10.59
CA GLY A 52 0.72 5.08 -10.80
C GLY A 52 -0.50 4.20 -11.02
N GLU A 53 -0.41 2.88 -10.71
CA GLU A 53 -1.51 1.92 -10.87
C GLU A 53 -2.26 1.82 -9.53
N TYR A 54 -3.06 2.86 -9.24
CA TYR A 54 -3.75 3.01 -7.94
C TYR A 54 -4.76 1.98 -7.60
N ASP A 55 -5.57 1.57 -8.57
CA ASP A 55 -6.58 0.52 -8.38
C ASP A 55 -5.92 -0.82 -8.03
N GLU A 56 -4.82 -1.17 -8.72
CA GLU A 56 -4.05 -2.38 -8.45
C GLU A 56 -3.37 -2.31 -7.08
N ALA A 57 -2.87 -1.12 -6.68
CA ALA A 57 -2.24 -0.93 -5.37
C ALA A 57 -3.28 -1.18 -4.27
N ILE A 58 -4.51 -0.63 -4.43
CA ILE A 58 -5.64 -0.80 -3.49
C ILE A 58 -5.94 -2.28 -3.25
N GLU A 59 -6.13 -3.05 -4.34
CA GLU A 59 -6.40 -4.50 -4.28
C GLU A 59 -5.27 -5.28 -3.54
N ALA A 60 -3.99 -4.97 -3.82
CA ALA A 60 -2.87 -5.63 -3.14
C ALA A 60 -2.83 -5.22 -1.65
N TYR A 61 -3.01 -3.91 -1.32
CA TYR A 61 -3.00 -3.45 0.08
C TYR A 61 -4.11 -4.09 0.92
N GLN A 62 -5.31 -4.29 0.31
CA GLN A 62 -6.45 -4.94 0.96
C GLN A 62 -6.09 -6.39 1.34
N LYS A 63 -5.38 -7.13 0.45
CA LYS A 63 -4.94 -8.51 0.75
C LYS A 63 -3.91 -8.49 1.90
N ALA A 64 -2.91 -7.60 1.83
CA ALA A 64 -1.88 -7.45 2.88
C ALA A 64 -2.54 -7.16 4.25
N LEU A 65 -3.52 -6.22 4.28
CA LEU A 65 -4.25 -5.82 5.50
C LEU A 65 -5.17 -6.89 6.08
N GLU A 66 -5.73 -7.80 5.23
CA GLU A 66 -6.56 -8.94 5.68
C GLU A 66 -5.67 -9.89 6.48
N LEU A 67 -4.41 -10.03 6.07
CA LEU A 67 -3.42 -10.91 6.70
C LEU A 67 -2.68 -10.27 7.87
N ASP A 68 -2.34 -8.97 7.76
CA ASP A 68 -1.61 -8.22 8.78
C ASP A 68 -2.31 -6.87 9.06
N PRO A 69 -3.39 -6.86 9.88
CA PRO A 69 -4.09 -5.59 10.17
C PRO A 69 -3.30 -4.57 11.00
N ASN A 70 -2.15 -4.98 11.55
CA ASN A 70 -1.28 -4.12 12.37
C ASN A 70 -0.25 -3.35 11.57
N ASN A 71 -0.21 -3.55 10.25
CA ASN A 71 0.73 -2.85 9.38
C ASN A 71 0.23 -1.39 9.18
N ALA A 72 0.68 -0.48 10.06
CA ALA A 72 0.31 0.94 10.03
C ALA A 72 0.68 1.62 8.69
N GLU A 73 1.85 1.30 8.14
CA GLU A 73 2.31 1.86 6.86
C GLU A 73 1.43 1.41 5.66
N ALA A 74 0.86 0.18 5.71
CA ALA A 74 -0.05 -0.33 4.69
C ALA A 74 -1.39 0.45 4.71
N TRP A 75 -1.94 0.78 5.92
CA TRP A 75 -3.17 1.60 6.07
C TRP A 75 -2.94 3.00 5.47
N TYR A 76 -1.76 3.60 5.79
CA TYR A 76 -1.32 4.90 5.29
C TYR A 76 -1.21 4.87 3.74
N ASN A 77 -0.56 3.83 3.17
CA ASN A 77 -0.42 3.71 1.72
C ASN A 77 -1.75 3.42 1.02
N LEU A 78 -2.64 2.67 1.68
CA LEU A 78 -3.99 2.42 1.16
C LEU A 78 -4.73 3.77 1.13
N GLY A 79 -4.57 4.58 2.18
CA GLY A 79 -5.15 5.91 2.22
C GLY A 79 -4.65 6.77 1.05
N ASN A 80 -3.31 6.75 0.78
CA ASN A 80 -2.70 7.51 -0.33
C ASN A 80 -3.23 7.07 -1.69
N ALA A 81 -3.48 5.76 -1.88
CA ALA A 81 -3.99 5.26 -3.17
C ALA A 81 -5.41 5.76 -3.43
N TYR A 82 -6.26 5.83 -2.38
CA TYR A 82 -7.62 6.38 -2.56
C TYR A 82 -7.56 7.90 -2.75
N TYR A 83 -6.66 8.58 -2.00
CA TYR A 83 -6.43 10.02 -2.11
C TYR A 83 -6.06 10.36 -3.57
N LYS A 84 -5.13 9.57 -4.20
CA LYS A 84 -4.71 9.78 -5.59
C LYS A 84 -5.89 9.66 -6.59
N GLN A 85 -6.94 8.88 -6.23
CA GLN A 85 -8.13 8.69 -7.07
C GLN A 85 -9.22 9.74 -6.79
N GLY A 86 -8.97 10.64 -5.84
CA GLY A 86 -9.95 11.65 -5.45
C GLY A 86 -11.01 11.11 -4.50
N ASP A 87 -10.80 9.91 -3.92
CA ASP A 87 -11.76 9.31 -2.97
C ASP A 87 -11.36 9.67 -1.52
N TYR A 88 -11.60 10.93 -1.17
CA TYR A 88 -11.26 11.56 0.11
C TYR A 88 -11.87 10.95 1.36
N ASP A 89 -13.16 10.54 1.32
CA ASP A 89 -13.83 9.89 2.46
C ASP A 89 -13.05 8.63 2.84
N GLU A 90 -12.72 7.79 1.82
CA GLU A 90 -11.97 6.55 2.02
C GLU A 90 -10.54 6.83 2.53
N ALA A 91 -9.85 7.81 1.94
CA ALA A 91 -8.49 8.19 2.37
C ALA A 91 -8.48 8.57 3.85
N ILE A 92 -9.43 9.43 4.28
CA ILE A 92 -9.58 9.90 5.68
C ILE A 92 -9.68 8.71 6.64
N GLU A 93 -10.60 7.78 6.35
CA GLU A 93 -10.83 6.57 7.12
C GLU A 93 -9.55 5.72 7.29
N TYR A 94 -8.80 5.51 6.20
CA TYR A 94 -7.56 4.72 6.27
C TYR A 94 -6.39 5.46 6.94
N TYR A 95 -6.30 6.80 6.77
CA TYR A 95 -5.29 7.62 7.45
C TYR A 95 -5.54 7.61 8.97
N GLN A 96 -6.83 7.64 9.39
CA GLN A 96 -7.21 7.63 10.80
C GLN A 96 -6.80 6.29 11.44
N LYS A 97 -7.00 5.18 10.70
CA LYS A 97 -6.60 3.87 11.17
C LYS A 97 -5.05 3.79 11.27
N ALA A 98 -4.31 4.32 10.26
CA ALA A 98 -2.84 4.35 10.32
C ALA A 98 -2.35 5.14 11.53
N LEU A 99 -3.03 6.26 11.84
CA LEU A 99 -2.67 7.12 12.97
C LEU A 99 -3.04 6.57 14.34
N GLU A 100 -4.06 5.68 14.40
CA GLU A 100 -4.43 4.98 15.65
C GLU A 100 -3.29 4.01 15.97
N LEU A 101 -2.68 3.40 14.93
CA LEU A 101 -1.57 2.45 15.09
C LEU A 101 -0.22 3.13 15.30
N ASP A 102 0.10 4.18 14.51
CA ASP A 102 1.34 4.93 14.62
C ASP A 102 1.04 6.43 14.65
N PRO A 103 0.85 7.02 15.86
CA PRO A 103 0.58 8.47 15.93
C PRO A 103 1.73 9.37 15.46
N ASN A 104 2.94 8.80 15.26
CA ASN A 104 4.15 9.52 14.84
C ASN A 104 4.39 9.60 13.32
N ASN A 105 3.35 9.35 12.49
CA ASN A 105 3.48 9.44 11.04
C ASN A 105 3.03 10.84 10.60
N ALA A 106 4.01 11.76 10.44
CA ALA A 106 3.74 13.16 10.07
C ALA A 106 3.13 13.30 8.68
N GLU A 107 3.48 12.37 7.76
CA GLU A 107 2.95 12.34 6.39
C GLU A 107 1.48 11.96 6.39
N ALA A 108 1.08 10.98 7.23
CA ALA A 108 -0.32 10.58 7.41
C ALA A 108 -1.11 11.76 8.00
N LYS A 109 -0.50 12.54 8.91
CA LYS A 109 -1.15 13.70 9.56
C LYS A 109 -1.44 14.80 8.54
N GLN A 110 -0.45 15.10 7.70
CA GLN A 110 -0.51 16.13 6.66
C GLN A 110 -1.55 15.74 5.62
N ASN A 111 -1.51 14.48 5.16
CA ASN A 111 -2.40 13.98 4.11
C ASN A 111 -3.83 13.90 4.59
N LEU A 112 -4.04 13.57 5.88
CA LEU A 112 -5.35 13.50 6.49
C LEU A 112 -5.92 14.91 6.56
N GLY A 113 -5.07 15.87 6.96
CA GLY A 113 -5.45 17.28 7.06
C GLY A 113 -5.87 17.80 5.71
N ASN A 114 -5.08 17.48 4.67
CA ASN A 114 -5.41 17.88 3.32
C ASN A 114 -6.68 17.21 2.74
N ALA A 115 -6.85 15.88 2.96
CA ALA A 115 -8.04 15.14 2.47
C ALA A 115 -9.32 15.68 3.11
N LYS A 116 -9.26 16.13 4.40
CA LYS A 116 -10.40 16.74 5.11
C LYS A 116 -10.80 18.08 4.47
N GLN A 117 -9.84 18.84 3.89
CA GLN A 117 -10.11 20.12 3.23
C GLN A 117 -10.85 19.91 1.91
N LYS A 118 -10.54 18.78 1.23
CA LYS A 118 -11.05 18.44 -0.10
C LYS A 118 -12.27 17.51 -0.12
N GLN A 119 -12.60 16.89 1.02
CA GLN A 119 -13.71 15.94 1.22
C GLN A 119 -15.10 16.51 0.82
N GLY A 120 -15.37 17.75 1.20
CA GLY A 120 -16.67 18.38 0.98
C GLY A 120 -17.13 18.59 -0.44
N LEU A 121 -18.47 18.66 -0.63
CA LEU A 121 -19.12 18.89 -1.93
C LEU A 121 -18.79 20.31 -2.46
N GLU A 122 -18.34 21.24 -1.56
CA GLU A 122 -17.90 22.61 -1.92
C GLU A 122 -16.59 22.61 -2.76
N HIS A 123 -16.01 21.41 -2.99
CA HIS A 123 -14.79 21.07 -3.75
C HIS A 123 -13.50 21.60 -3.13
#